data_4LA6
#
_entry.id   4LA6
#
_cell.length_a   99.462
_cell.length_b   99.462
_cell.length_c   105.079
_cell.angle_alpha   90.00
_cell.angle_beta   90.00
_cell.angle_gamma   90.00
#
_symmetry.space_group_name_H-M   'P 43 2 2'
#
loop_
_entity.id
_entity.type
_entity.pdbx_description
1 polymer '2-methylisoborneol synthase'
2 non-polymer 'MAGNESIUM ION'
3 non-polymer '(2E)-2-fluoro-3,7-dimethylocta-2,6-dien-1-yl trihydrogen diphosphate'
4 water water
#
_entity_poly.entity_id   1
_entity_poly.type   'polypeptide(L)'
_entity_poly.pdbx_seq_one_letter_code
;MGSSHHHHHHSSGLVPRGSHMMPDSGTLGTPPPEQGPTPPTTLPDVPAPVIPSASVTSAASDFLAALHPPVTVPDPAPPP
PPAPAAGNPPDTVTGDSVLQRILRGPTGPGTTSLAPAVRYGRQPGPEAPASAPPAAGRAVPGLYHHPVPEPDPVRVEEVS
RRIKRWAEDEVQLYPEEWEGQFDGFSVGRYMVGCHPDAPTVDHLMLATRLMVAENAVDDCYCEDHGGSPVGLGGRLLLAH
TAIDHFHSTAEYTPTWQASLAADAPRRAYDSAMGYFVRAATPSQSDRYRHDMARLHLGYLAEGAWAQTGHVPEVWEYLAM
RQFNNFRPCPTITDTVGGYELPADLHARPDMQRVIALAGNATTIVNDLYSYTKELNSPGRHLNLPVVIAEREQLCERDAY
LKAVEVHNELQHSFEAAAADLAEACPLPPVLRFLRGVAAWVDGNHDWHRTNTYRYSLPDFW
;
_entity_poly.pdbx_strand_id   A
#
# COMPACT_ATOMS: atom_id res chain seq x y z
N GLY A 137 14.11 5.96 16.18
CA GLY A 137 14.05 5.05 15.05
C GLY A 137 14.21 3.60 15.45
N ARG A 138 13.64 3.21 16.59
CA ARG A 138 13.75 1.82 17.03
C ARG A 138 12.59 0.96 16.52
N ALA A 139 12.88 -0.31 16.28
CA ALA A 139 11.88 -1.27 15.80
C ALA A 139 10.96 -1.68 16.94
N VAL A 140 9.74 -2.09 16.60
CA VAL A 140 8.83 -2.66 17.59
C VAL A 140 9.54 -3.86 18.24
N PRO A 141 9.72 -3.82 19.56
CA PRO A 141 10.37 -4.95 20.25
C PRO A 141 9.63 -6.26 19.98
N GLY A 142 10.37 -7.30 19.59
CA GLY A 142 9.77 -8.60 19.35
C GLY A 142 9.25 -8.78 17.94
N LEU A 143 9.24 -7.69 17.16
CA LEU A 143 8.78 -7.77 15.78
C LEU A 143 9.85 -8.38 14.86
N TYR A 144 9.52 -9.51 14.24
CA TYR A 144 10.43 -10.20 13.37
C TYR A 144 10.60 -9.45 12.06
N HIS A 145 11.83 -9.07 11.76
CA HIS A 145 12.12 -8.27 10.57
C HIS A 145 13.59 -8.39 10.19
N HIS A 146 13.89 -7.95 8.98
CA HIS A 146 15.25 -8.01 8.44
C HIS A 146 15.79 -6.61 8.21
N PRO A 147 17.02 -6.35 8.68
CA PRO A 147 17.62 -5.03 8.46
C PRO A 147 17.84 -4.81 6.97
N VAL A 148 17.86 -3.55 6.55
CA VAL A 148 18.15 -3.24 5.16
C VAL A 148 19.24 -2.18 5.08
N PRO A 149 20.01 -2.21 3.99
CA PRO A 149 21.02 -1.18 3.72
C PRO A 149 20.42 0.23 3.71
N GLU A 150 21.25 1.23 3.95
CA GLU A 150 20.82 2.61 3.79
C GLU A 150 20.53 2.85 2.31
N PRO A 151 19.38 3.48 2.00
CA PRO A 151 19.04 3.72 0.59
C PRO A 151 20.01 4.71 -0.08
N ASP A 152 20.40 4.41 -1.32
CA ASP A 152 21.25 5.29 -2.14
C ASP A 152 20.74 6.74 -2.15
N PRO A 153 21.44 7.62 -1.41
CA PRO A 153 21.03 9.03 -1.27
C PRO A 153 20.95 9.75 -2.61
N VAL A 154 21.75 9.35 -3.58
CA VAL A 154 21.67 9.98 -4.90
C VAL A 154 20.31 9.68 -5.52
N ARG A 155 19.94 8.39 -5.54
CA ARG A 155 18.64 8.00 -6.06
C ARG A 155 17.50 8.62 -5.26
N VAL A 156 17.65 8.63 -3.93
CA VAL A 156 16.62 9.22 -3.08
C VAL A 156 16.39 10.66 -3.49
N GLU A 157 17.48 11.41 -3.66
CA GLU A 157 17.36 12.81 -3.98
C GLU A 157 16.77 13.04 -5.36
N GLU A 158 17.07 12.15 -6.30
CA GLU A 158 16.54 12.31 -7.64
C GLU A 158 15.03 12.01 -7.66
N VAL A 159 14.64 10.91 -7.01
CA VAL A 159 13.22 10.62 -6.86
C VAL A 159 12.50 11.80 -6.21
N SER A 160 13.06 12.32 -5.12
CA SER A 160 12.43 13.45 -4.42
C SER A 160 12.15 14.60 -5.36
N ARG A 161 13.12 14.99 -6.17
CA ARG A 161 12.90 16.14 -7.04
C ARG A 161 11.90 15.84 -8.14
N ARG A 162 11.96 14.64 -8.72
CA ARG A 162 11.03 14.29 -9.78
C ARG A 162 9.60 14.16 -9.27
N ILE A 163 9.41 13.59 -8.09
CA ILE A 163 8.05 13.36 -7.59
C ILE A 163 7.43 14.71 -7.22
N LYS A 164 8.26 15.61 -6.69
CA LYS A 164 7.77 16.96 -6.39
C LYS A 164 7.31 17.67 -7.67
N ARG A 165 8.07 17.55 -8.76
CA ARG A 165 7.66 18.19 -10.01
C ARG A 165 6.39 17.58 -10.56
N TRP A 166 6.29 16.25 -10.50
CA TRP A 166 5.07 15.56 -10.94
C TRP A 166 3.89 16.10 -10.13
N ALA A 167 4.03 16.08 -8.81
CA ALA A 167 2.94 16.47 -7.92
C ALA A 167 2.48 17.90 -8.16
N GLU A 168 3.44 18.82 -8.30
CA GLU A 168 3.13 20.23 -8.47
C GLU A 168 2.78 20.60 -9.92
N ASP A 169 3.60 20.17 -10.87
CA ASP A 169 3.43 20.60 -12.25
C ASP A 169 2.47 19.76 -13.09
N GLU A 170 2.38 18.46 -12.81
CA GLU A 170 1.56 17.59 -13.66
C GLU A 170 0.17 17.32 -13.12
N VAL A 171 0.04 17.15 -11.81
CA VAL A 171 -1.24 16.72 -11.28
C VAL A 171 -1.83 17.65 -10.21
N GLN A 172 -1.12 18.74 -9.91
CA GLN A 172 -1.60 19.72 -8.93
C GLN A 172 -2.13 19.00 -7.68
N LEU A 173 -1.24 18.24 -7.05
CA LEU A 173 -1.60 17.33 -5.98
C LEU A 173 -2.10 18.02 -4.73
N TYR A 174 -1.49 19.14 -4.37
CA TYR A 174 -1.81 19.79 -3.09
C TYR A 174 -1.60 21.30 -3.13
N PRO A 175 -2.33 22.03 -2.28
CA PRO A 175 -2.10 23.46 -2.06
C PRO A 175 -0.91 23.67 -1.13
N GLU A 176 -0.32 24.87 -1.16
CA GLU A 176 0.90 25.17 -0.42
C GLU A 176 0.92 24.65 1.02
N GLU A 177 -0.18 24.84 1.73
CA GLU A 177 -0.24 24.57 3.18
C GLU A 177 0.08 23.13 3.56
N TRP A 178 -0.04 22.23 2.60
CA TRP A 178 0.10 20.80 2.87
C TRP A 178 1.37 20.21 2.27
N GLU A 179 2.38 21.06 2.06
CA GLU A 179 3.65 20.63 1.48
C GLU A 179 4.48 19.87 2.50
N GLY A 180 4.46 20.32 3.76
CA GLY A 180 5.19 19.67 4.83
C GLY A 180 4.76 18.22 5.00
N GLN A 181 3.46 17.96 4.91
CA GLN A 181 2.93 16.60 4.97
C GLN A 181 3.47 15.76 3.82
N PHE A 182 3.58 16.38 2.65
CA PHE A 182 4.11 15.69 1.47
C PHE A 182 5.55 15.23 1.70
N ASP A 183 6.42 16.18 2.06
CA ASP A 183 7.83 15.86 2.30
C ASP A 183 7.99 14.90 3.48
N GLY A 184 7.09 15.04 4.46
CA GLY A 184 7.08 14.21 5.66
C GLY A 184 6.84 12.73 5.38
N PHE A 185 6.32 12.42 4.20
CA PHE A 185 6.11 11.03 3.79
C PHE A 185 7.44 10.33 3.42
N SER A 186 8.47 11.11 3.10
CA SER A 186 9.75 10.55 2.66
C SER A 186 9.54 9.45 1.62
N VAL A 187 8.82 9.75 0.55
CA VAL A 187 8.48 8.71 -0.42
C VAL A 187 9.70 8.24 -1.23
N GLY A 188 10.70 9.12 -1.38
CA GLY A 188 11.94 8.78 -2.04
C GLY A 188 12.67 7.65 -1.34
N ARG A 189 12.94 7.82 -0.05
CA ARG A 189 13.55 6.77 0.77
C ARG A 189 12.70 5.51 0.70
N TYR A 190 11.40 5.71 0.88
CA TYR A 190 10.43 4.63 0.84
C TYR A 190 10.67 3.73 -0.37
N MET A 191 10.57 4.31 -1.57
CA MET A 191 10.65 3.52 -2.80
C MET A 191 12.05 3.00 -3.14
N VAL A 192 13.07 3.83 -2.91
CA VAL A 192 14.43 3.34 -3.14
C VAL A 192 14.68 2.14 -2.23
N GLY A 193 14.31 2.26 -0.97
CA GLY A 193 14.46 1.17 -0.03
C GLY A 193 13.67 -0.08 -0.40
N CYS A 194 12.49 0.12 -0.98
CA CYS A 194 11.61 -0.99 -1.31
C CYS A 194 11.92 -1.66 -2.63
N HIS A 195 12.64 -0.97 -3.51
CA HIS A 195 12.96 -1.51 -4.83
C HIS A 195 14.46 -1.39 -5.14
N PRO A 196 15.30 -2.12 -4.38
CA PRO A 196 16.75 -2.00 -4.59
C PRO A 196 17.20 -2.41 -6.00
N ASP A 197 16.38 -3.17 -6.71
CA ASP A 197 16.76 -3.68 -8.02
C ASP A 197 16.23 -2.84 -9.21
N ALA A 198 15.67 -1.66 -8.96
CA ALA A 198 15.17 -0.84 -10.05
C ALA A 198 16.34 -0.43 -10.97
N PRO A 199 16.24 -0.72 -12.28
CA PRO A 199 17.38 -0.31 -13.13
C PRO A 199 17.59 1.19 -13.20
N THR A 200 16.51 1.97 -13.17
CA THR A 200 16.58 3.42 -13.31
C THR A 200 15.65 4.14 -12.35
N VAL A 201 15.82 5.45 -12.27
CA VAL A 201 14.89 6.30 -11.53
C VAL A 201 13.52 6.34 -12.22
N ASP A 202 13.49 6.29 -13.56
CA ASP A 202 12.23 6.17 -14.31
C ASP A 202 11.42 4.97 -13.80
N HIS A 203 12.09 3.84 -13.61
CA HIS A 203 11.44 2.65 -13.04
C HIS A 203 10.92 2.93 -11.63
N LEU A 204 11.78 3.51 -10.79
CA LEU A 204 11.37 3.85 -9.42
C LEU A 204 10.15 4.78 -9.45
N MET A 205 10.11 5.67 -10.42
CA MET A 205 9.05 6.66 -10.49
C MET A 205 7.69 6.03 -10.82
N LEU A 206 7.72 4.90 -11.53
CA LEU A 206 6.48 4.17 -11.77
C LEU A 206 5.77 3.85 -10.46
N ALA A 207 6.53 3.31 -9.50
CA ALA A 207 5.99 2.96 -8.19
C ALA A 207 5.70 4.16 -7.31
N THR A 208 6.57 5.16 -7.41
CA THR A 208 6.47 6.35 -6.58
C THR A 208 5.21 7.17 -6.89
N ARG A 209 4.93 7.37 -8.16
CA ARG A 209 3.71 8.08 -8.53
C ARG A 209 2.48 7.32 -8.01
N LEU A 210 2.49 6.00 -8.14
CA LEU A 210 1.33 5.22 -7.74
C LEU A 210 1.16 5.24 -6.21
N MET A 211 2.27 5.19 -5.49
CA MET A 211 2.26 5.26 -4.03
C MET A 211 1.65 6.59 -3.59
N VAL A 212 2.13 7.67 -4.18
CA VAL A 212 1.63 8.99 -3.85
C VAL A 212 0.16 9.15 -4.21
N ALA A 213 -0.26 8.60 -5.35
CA ALA A 213 -1.67 8.65 -5.74
C ALA A 213 -2.53 7.83 -4.78
N GLU A 214 -2.03 6.65 -4.39
CA GLU A 214 -2.76 5.78 -3.47
C GLU A 214 -3.00 6.52 -2.16
N ASN A 215 -1.97 7.17 -1.62
CA ASN A 215 -2.09 7.99 -0.41
C ASN A 215 -3.08 9.11 -0.57
N ALA A 216 -2.98 9.82 -1.69
CA ALA A 216 -3.86 10.95 -1.94
C ALA A 216 -5.33 10.55 -1.89
N VAL A 217 -5.65 9.40 -2.48
CA VAL A 217 -7.03 8.90 -2.46
C VAL A 217 -7.48 8.59 -1.04
N ASP A 218 -6.64 7.85 -0.32
CA ASP A 218 -6.98 7.37 1.02
C ASP A 218 -7.10 8.56 1.97
N ASP A 219 -6.23 9.54 1.77
CA ASP A 219 -6.29 10.77 2.55
C ASP A 219 -7.49 11.64 2.20
N CYS A 220 -7.79 11.78 0.91
CA CYS A 220 -8.83 12.72 0.48
C CYS A 220 -10.25 12.15 0.47
N TYR A 221 -10.39 10.87 0.14
CA TYR A 221 -11.72 10.25 0.11
C TYR A 221 -12.07 9.48 1.37
N CYS A 222 -11.12 8.69 1.85
CA CYS A 222 -11.42 7.72 2.91
C CYS A 222 -11.39 8.34 4.28
N GLU A 223 -10.40 9.20 4.50
CA GLU A 223 -10.22 9.88 5.76
C GLU A 223 -10.93 11.23 5.73
N ASP A 224 -11.78 11.42 4.74
CA ASP A 224 -12.63 12.60 4.69
C ASP A 224 -13.22 12.80 6.08
N HIS A 225 -13.08 14.02 6.59
CA HIS A 225 -13.32 14.28 8.01
C HIS A 225 -14.70 13.84 8.51
N GLY A 226 -14.68 13.26 9.70
CA GLY A 226 -15.77 12.43 10.18
C GLY A 226 -15.22 11.02 10.12
N GLY A 227 -15.98 10.06 10.64
CA GLY A 227 -15.57 8.67 10.59
C GLY A 227 -15.38 8.21 9.15
N SER A 228 -16.48 8.17 8.41
CA SER A 228 -16.47 7.73 7.02
C SER A 228 -17.62 8.34 6.22
N PRO A 229 -17.30 8.90 5.03
CA PRO A 229 -18.32 9.42 4.11
C PRO A 229 -19.29 8.34 3.65
N VAL A 230 -20.58 8.66 3.72
CA VAL A 230 -21.64 7.74 3.30
C VAL A 230 -21.52 7.43 1.80
N GLY A 231 -20.98 8.37 1.04
CA GLY A 231 -20.91 8.22 -0.40
C GLY A 231 -19.61 7.64 -0.92
N LEU A 232 -18.83 7.04 -0.02
CA LEU A 232 -17.50 6.53 -0.38
C LEU A 232 -17.53 5.59 -1.58
N GLY A 233 -18.48 4.66 -1.61
CA GLY A 233 -18.56 3.69 -2.69
C GLY A 233 -18.68 4.36 -4.06
N GLY A 234 -19.45 5.44 -4.13
CA GLY A 234 -19.57 6.20 -5.37
C GLY A 234 -18.28 6.93 -5.76
N ARG A 235 -17.66 7.60 -4.80
CA ARG A 235 -16.42 8.31 -5.07
C ARG A 235 -15.31 7.37 -5.51
N LEU A 236 -15.17 6.23 -4.85
CA LEU A 236 -14.11 5.29 -5.18
C LEU A 236 -14.32 4.64 -6.53
N LEU A 237 -15.56 4.29 -6.86
CA LEU A 237 -15.79 3.68 -8.17
C LEU A 237 -15.40 4.67 -9.29
N LEU A 238 -15.80 5.93 -9.15
CA LEU A 238 -15.47 6.89 -10.19
C LEU A 238 -13.97 7.09 -10.27
N ALA A 239 -13.29 7.11 -9.11
CA ALA A 239 -11.84 7.19 -9.12
C ALA A 239 -11.24 5.92 -9.73
N HIS A 240 -11.90 4.79 -9.52
CA HIS A 240 -11.39 3.53 -10.05
C HIS A 240 -11.31 3.56 -11.58
N THR A 241 -12.24 4.29 -12.21
CA THR A 241 -12.23 4.42 -13.69
C THR A 241 -10.99 5.12 -14.24
N ALA A 242 -10.23 5.78 -13.37
CA ALA A 242 -8.94 6.35 -13.79
C ALA A 242 -7.90 5.24 -13.89
N ILE A 243 -8.21 4.09 -13.32
CA ILE A 243 -7.32 2.94 -13.35
C ILE A 243 -7.80 1.89 -14.36
N ASP A 244 -9.10 1.64 -14.34
CA ASP A 244 -9.76 0.71 -15.26
C ASP A 244 -10.79 1.51 -16.06
N HIS A 245 -10.44 1.90 -17.28
CA HIS A 245 -11.20 2.93 -17.99
C HIS A 245 -12.66 2.64 -18.30
N PHE A 246 -13.47 3.70 -18.24
CA PHE A 246 -14.86 3.71 -18.69
C PHE A 246 -14.90 3.51 -20.20
N HIS A 247 -15.83 2.70 -20.69
CA HIS A 247 -16.04 2.55 -22.13
C HIS A 247 -17.51 2.82 -22.40
N SER A 248 -17.80 3.73 -23.32
CA SER A 248 -19.17 4.21 -23.51
C SER A 248 -19.42 4.86 -24.87
N THR A 249 -20.54 5.56 -24.99
CA THR A 249 -20.94 6.19 -26.25
C THR A 249 -20.14 7.45 -26.52
N ALA A 250 -20.30 7.99 -27.73
CA ALA A 250 -19.62 9.23 -28.11
C ALA A 250 -20.10 10.38 -27.23
N GLU A 251 -21.35 10.32 -26.80
CA GLU A 251 -21.93 11.35 -25.95
C GLU A 251 -21.36 11.36 -24.52
N TYR A 252 -21.26 10.19 -23.88
CA TYR A 252 -20.90 10.16 -22.45
C TYR A 252 -19.41 9.99 -22.17
N THR A 253 -18.66 9.48 -23.12
CA THR A 253 -17.21 9.29 -22.94
C THR A 253 -16.46 10.59 -22.63
N PRO A 254 -16.74 11.68 -23.39
CA PRO A 254 -16.04 12.94 -23.10
C PRO A 254 -16.35 13.51 -21.71
N THR A 255 -17.57 13.32 -21.24
CA THR A 255 -17.93 13.82 -19.92
C THR A 255 -17.13 13.06 -18.84
N TRP A 256 -17.00 11.74 -19.02
CA TRP A 256 -16.14 10.95 -18.15
C TRP A 256 -14.70 11.42 -18.21
N GLN A 257 -14.22 11.60 -19.44
CA GLN A 257 -12.84 12.02 -19.65
C GLN A 257 -12.55 13.28 -18.85
N ALA A 258 -13.49 14.23 -18.88
CA ALA A 258 -13.34 15.48 -18.14
C ALA A 258 -13.28 15.27 -16.61
N SER A 259 -13.99 14.26 -16.11
CA SER A 259 -13.98 13.99 -14.67
C SER A 259 -12.59 13.58 -14.17
N LEU A 260 -11.76 13.05 -15.07
CA LEU A 260 -10.42 12.64 -14.67
C LEU A 260 -9.53 13.80 -14.22
N ALA A 261 -9.91 15.03 -14.57
CA ALA A 261 -9.14 16.18 -14.10
C ALA A 261 -9.81 16.90 -12.93
N ALA A 262 -10.94 16.38 -12.47
CA ALA A 262 -11.80 17.13 -11.55
C ALA A 262 -11.26 17.27 -10.14
N ASP A 263 -10.44 16.32 -9.67
CA ASP A 263 -9.84 16.48 -8.35
C ASP A 263 -8.46 15.85 -8.30
N ALA A 264 -7.74 16.08 -7.20
CA ALA A 264 -6.35 15.62 -7.11
C ALA A 264 -6.27 14.08 -7.12
N PRO A 265 -7.14 13.41 -6.36
CA PRO A 265 -7.07 11.95 -6.37
C PRO A 265 -7.15 11.37 -7.78
N ARG A 266 -8.09 11.85 -8.59
CA ARG A 266 -8.24 11.35 -9.94
C ARG A 266 -7.14 11.81 -10.91
N ARG A 267 -6.66 13.05 -10.77
CA ARG A 267 -5.55 13.48 -11.59
C ARG A 267 -4.33 12.61 -11.27
N ALA A 268 -4.17 12.30 -9.99
CA ALA A 268 -3.04 11.48 -9.53
C ALA A 268 -3.12 10.04 -10.09
N TYR A 269 -4.23 9.34 -9.85
CA TYR A 269 -4.43 8.00 -10.42
C TYR A 269 -4.24 8.01 -11.94
N ASP A 270 -4.91 8.93 -12.61
CA ASP A 270 -4.92 8.97 -14.07
C ASP A 270 -3.50 9.12 -14.63
N SER A 271 -2.76 10.08 -14.11
CA SER A 271 -1.39 10.31 -14.58
C SER A 271 -0.49 9.14 -14.22
N ALA A 272 -0.54 8.71 -12.97
CA ALA A 272 0.34 7.63 -12.52
C ALA A 272 0.07 6.33 -13.28
N MET A 273 -1.21 6.02 -13.51
CA MET A 273 -1.56 4.80 -14.23
C MET A 273 -1.10 4.93 -15.68
N GLY A 274 -1.27 6.13 -16.25
CA GLY A 274 -0.77 6.42 -17.58
C GLY A 274 0.69 6.04 -17.76
N TYR A 275 1.56 6.51 -16.86
CA TYR A 275 2.98 6.12 -16.93
C TYR A 275 3.15 4.61 -16.80
N PHE A 276 2.41 4.00 -15.89
CA PHE A 276 2.55 2.56 -15.65
C PHE A 276 2.18 1.76 -16.89
N VAL A 277 1.07 2.14 -17.52
CA VAL A 277 0.55 1.42 -18.68
C VAL A 277 1.54 1.50 -19.85
N ARG A 278 2.23 2.62 -19.96
CA ARG A 278 3.19 2.78 -21.06
C ARG A 278 4.42 1.88 -20.86
N ALA A 279 4.81 1.67 -19.61
CA ALA A 279 6.01 0.91 -19.30
C ALA A 279 5.80 -0.59 -19.10
N ALA A 280 4.64 -0.97 -18.59
CA ALA A 280 4.39 -2.36 -18.23
C ALA A 280 3.71 -3.14 -19.34
N THR A 281 3.79 -4.47 -19.27
CA THR A 281 3.07 -5.33 -20.20
C THR A 281 1.58 -5.25 -19.89
N PRO A 282 0.74 -5.56 -20.89
CA PRO A 282 -0.71 -5.57 -20.64
C PRO A 282 -1.09 -6.45 -19.43
N SER A 283 -0.43 -7.59 -19.25
CA SER A 283 -0.69 -8.44 -18.09
C SER A 283 -0.33 -7.79 -16.77
N GLN A 284 0.83 -7.15 -16.71
CA GLN A 284 1.21 -6.40 -15.52
C GLN A 284 0.21 -5.28 -15.21
N SER A 285 -0.31 -4.63 -16.25
CA SER A 285 -1.35 -3.61 -16.03
C SER A 285 -2.65 -4.20 -15.49
N ASP A 286 -3.10 -5.30 -16.10
CA ASP A 286 -4.32 -5.96 -15.64
C ASP A 286 -4.15 -6.41 -14.19
N ARG A 287 -2.96 -6.91 -13.86
CA ARG A 287 -2.69 -7.41 -12.53
C ARG A 287 -2.81 -6.28 -11.51
N TYR A 288 -2.28 -5.11 -11.86
CA TYR A 288 -2.36 -3.95 -10.99
C TYR A 288 -3.82 -3.48 -10.80
N ARG A 289 -4.60 -3.50 -11.87
CA ARG A 289 -6.01 -3.10 -11.77
C ARG A 289 -6.78 -4.01 -10.79
N HIS A 290 -6.51 -5.31 -10.84
CA HIS A 290 -7.16 -6.26 -9.92
C HIS A 290 -6.75 -5.93 -8.48
N ASP A 291 -5.47 -5.67 -8.26
CA ASP A 291 -5.00 -5.37 -6.91
C ASP A 291 -5.57 -4.04 -6.42
N MET A 292 -5.81 -3.11 -7.34
CA MET A 292 -6.47 -1.84 -6.96
C MET A 292 -7.95 -2.05 -6.66
N ALA A 293 -8.57 -2.97 -7.39
CA ALA A 293 -9.96 -3.30 -7.13
C ALA A 293 -10.08 -3.89 -5.72
N ARG A 294 -9.18 -4.82 -5.39
CA ARG A 294 -9.04 -5.34 -4.03
C ARG A 294 -8.90 -4.24 -2.98
N LEU A 295 -7.96 -3.32 -3.22
CA LEU A 295 -7.73 -2.23 -2.26
C LEU A 295 -9.01 -1.42 -1.99
N HIS A 296 -9.72 -1.07 -3.07
CA HIS A 296 -10.92 -0.26 -2.94
C HIS A 296 -12.04 -0.99 -2.22
N LEU A 297 -12.16 -2.29 -2.46
CA LEU A 297 -13.08 -3.12 -1.71
C LEU A 297 -12.73 -3.11 -0.22
N GLY A 298 -11.44 -3.18 0.08
CA GLY A 298 -10.97 -3.08 1.45
C GLY A 298 -11.36 -1.75 2.10
N TYR A 299 -11.13 -0.65 1.40
CA TYR A 299 -11.58 0.68 1.87
C TYR A 299 -13.06 0.68 2.22
N LEU A 300 -13.87 0.06 1.37
CA LEU A 300 -15.31 0.14 1.49
C LEU A 300 -15.87 -0.69 2.65
N ALA A 301 -15.22 -1.82 2.96
CA ALA A 301 -15.58 -2.57 4.16
C ALA A 301 -15.22 -1.77 5.40
N GLU A 302 -14.02 -1.20 5.43
CA GLU A 302 -13.62 -0.35 6.56
C GLU A 302 -14.59 0.81 6.75
N GLY A 303 -14.98 1.45 5.64
CA GLY A 303 -15.83 2.63 5.71
C GLY A 303 -17.23 2.25 6.16
N ALA A 304 -17.72 1.10 5.69
CA ALA A 304 -19.07 0.64 6.05
C ALA A 304 -19.17 0.38 7.56
N TRP A 305 -18.14 -0.25 8.12
CA TRP A 305 -18.10 -0.52 9.57
C TRP A 305 -18.02 0.75 10.37
N ALA A 306 -17.20 1.68 9.90
CA ALA A 306 -17.02 2.96 10.59
C ALA A 306 -18.32 3.75 10.63
N GLN A 307 -19.19 3.56 9.64
CA GLN A 307 -20.45 4.31 9.62
C GLN A 307 -21.33 3.99 10.83
N THR A 308 -21.16 2.80 11.39
CA THR A 308 -21.91 2.45 12.61
C THR A 308 -21.02 2.15 13.80
N GLY A 309 -19.73 2.42 13.68
CA GLY A 309 -18.82 2.10 14.77
C GLY A 309 -18.74 0.60 15.04
N HIS A 310 -19.11 -0.21 14.05
CA HIS A 310 -19.01 -1.66 14.19
C HIS A 310 -17.57 -2.11 14.41
N VAL A 311 -17.34 -2.90 15.45
CA VAL A 311 -16.07 -3.59 15.63
C VAL A 311 -16.23 -5.05 15.19
N PRO A 312 -15.58 -5.42 14.08
CA PRO A 312 -15.69 -6.79 13.55
C PRO A 312 -14.96 -7.77 14.46
N GLU A 313 -15.20 -9.06 14.27
CA GLU A 313 -14.36 -10.08 14.87
C GLU A 313 -12.93 -9.87 14.37
N VAL A 314 -11.96 -10.37 15.15
CA VAL A 314 -10.57 -10.26 14.73
C VAL A 314 -10.31 -10.82 13.33
N TRP A 315 -10.83 -12.01 13.01
CA TRP A 315 -10.56 -12.56 11.69
C TRP A 315 -11.21 -11.71 10.60
N GLU A 316 -12.35 -11.10 10.94
CA GLU A 316 -13.07 -10.23 10.01
C GLU A 316 -12.28 -8.96 9.75
N TYR A 317 -11.71 -8.38 10.81
CA TYR A 317 -10.80 -7.26 10.62
C TYR A 317 -9.63 -7.66 9.68
N LEU A 318 -9.03 -8.81 9.96
CA LEU A 318 -7.89 -9.28 9.18
C LEU A 318 -8.30 -9.54 7.72
N ALA A 319 -9.53 -9.99 7.49
CA ALA A 319 -9.98 -10.21 6.12
C ALA A 319 -10.06 -8.86 5.41
N MET A 320 -10.67 -7.88 6.07
CA MET A 320 -10.66 -6.52 5.52
C MET A 320 -9.23 -6.03 5.26
N ARG A 321 -8.34 -6.26 6.22
CA ARG A 321 -6.96 -5.77 6.12
C ARG A 321 -6.12 -6.58 5.12
N GLN A 322 -6.70 -7.67 4.62
CA GLN A 322 -6.07 -8.42 3.53
C GLN A 322 -6.27 -7.68 2.21
N PHE A 323 -7.35 -6.90 2.11
CA PHE A 323 -7.68 -6.18 0.89
C PHE A 323 -7.26 -4.72 0.99
N ASN A 324 -7.60 -4.11 2.12
CA ASN A 324 -7.16 -2.76 2.45
C ASN A 324 -5.71 -2.88 2.90
N ASN A 325 -4.79 -2.91 1.94
CA ASN A 325 -3.53 -3.61 2.11
C ASN A 325 -2.47 -3.03 1.16
N PHE A 326 -1.20 -3.15 1.54
CA PHE A 326 -0.13 -2.63 0.67
C PHE A 326 0.04 -3.41 -0.64
N ARG A 327 -0.63 -4.56 -0.74
CA ARG A 327 -0.49 -5.50 -1.87
C ARG A 327 -0.21 -4.91 -3.27
N PRO A 328 -0.91 -3.82 -3.67
CA PRO A 328 -0.62 -3.28 -5.01
C PRO A 328 0.81 -2.77 -5.14
N CYS A 329 1.53 -2.61 -4.02
CA CYS A 329 2.87 -2.05 -4.10
C CYS A 329 3.96 -3.10 -4.32
N PRO A 330 4.01 -4.13 -3.46
CA PRO A 330 5.03 -5.15 -3.74
C PRO A 330 4.75 -5.94 -5.02
N THR A 331 3.49 -6.04 -5.46
CA THR A 331 3.18 -6.85 -6.63
C THR A 331 3.66 -6.21 -7.95
N ILE A 332 4.06 -4.95 -7.91
CA ILE A 332 4.66 -4.34 -9.11
C ILE A 332 6.19 -4.40 -9.13
N THR A 333 6.77 -5.18 -8.20
CA THR A 333 8.22 -5.32 -8.13
C THR A 333 8.86 -5.71 -9.46
N ASP A 334 8.22 -6.61 -10.22
CA ASP A 334 8.78 -7.04 -11.52
C ASP A 334 8.76 -5.91 -12.54
N THR A 335 7.64 -5.18 -12.62
CA THR A 335 7.60 -4.02 -13.52
C THR A 335 8.71 -3.04 -13.17
N VAL A 336 8.87 -2.76 -11.88
CA VAL A 336 9.87 -1.79 -11.45
C VAL A 336 11.32 -2.33 -11.61
N GLY A 337 11.44 -3.66 -11.63
CA GLY A 337 12.74 -4.31 -11.78
C GLY A 337 13.11 -4.54 -13.25
N GLY A 338 12.21 -4.20 -14.16
CA GLY A 338 12.48 -4.28 -15.59
C GLY A 338 12.32 -5.67 -16.18
N TYR A 339 11.54 -6.52 -15.53
CA TYR A 339 11.27 -7.83 -16.06
C TYR A 339 9.80 -8.16 -15.85
N GLU A 340 9.38 -9.36 -16.27
CA GLU A 340 8.00 -9.79 -16.07
C GLU A 340 7.88 -11.17 -15.44
N LEU A 341 7.08 -11.25 -14.38
CA LEU A 341 6.55 -12.53 -13.93
C LEU A 341 5.40 -12.92 -14.86
N PRO A 342 5.54 -14.05 -15.57
CA PRO A 342 4.47 -14.37 -16.53
C PRO A 342 3.11 -14.52 -15.84
N ALA A 343 2.05 -14.07 -16.51
CA ALA A 343 0.71 -14.12 -15.94
C ALA A 343 0.35 -15.52 -15.42
N ASP A 344 0.61 -16.56 -16.22
CA ASP A 344 0.27 -17.92 -15.81
C ASP A 344 0.97 -18.35 -14.53
N LEU A 345 2.17 -17.81 -14.30
CA LEU A 345 2.89 -18.14 -13.08
C LEU A 345 2.37 -17.27 -11.92
N HIS A 346 2.04 -16.01 -12.21
CA HIS A 346 1.43 -15.15 -11.19
C HIS A 346 0.16 -15.79 -10.66
N ALA A 347 -0.62 -16.38 -11.58
CA ALA A 347 -1.92 -16.99 -11.26
C ALA A 347 -1.89 -18.26 -10.42
N ARG A 348 -0.74 -18.91 -10.30
CA ARG A 348 -0.66 -20.16 -9.52
C ARG A 348 -1.21 -19.96 -8.12
N PRO A 349 -2.05 -20.90 -7.64
CA PRO A 349 -2.52 -20.79 -6.26
C PRO A 349 -1.40 -20.60 -5.24
N ASP A 350 -0.27 -21.28 -5.38
CA ASP A 350 0.80 -21.10 -4.39
C ASP A 350 1.38 -19.68 -4.40
N MET A 351 1.57 -19.11 -5.59
CA MET A 351 2.00 -17.73 -5.71
C MET A 351 0.98 -16.76 -5.10
N GLN A 352 -0.30 -16.99 -5.39
CA GLN A 352 -1.35 -16.17 -4.82
C GLN A 352 -1.32 -16.17 -3.28
N ARG A 353 -1.10 -17.34 -2.68
CA ARG A 353 -0.94 -17.43 -1.22
C ARG A 353 0.30 -16.68 -0.73
N VAL A 354 1.42 -16.89 -1.42
CA VAL A 354 2.65 -16.17 -1.09
C VAL A 354 2.37 -14.66 -1.08
N ILE A 355 1.75 -14.16 -2.15
CA ILE A 355 1.47 -12.72 -2.24
C ILE A 355 0.56 -12.22 -1.12
N ALA A 356 -0.52 -12.95 -0.85
CA ALA A 356 -1.47 -12.54 0.18
C ALA A 356 -0.78 -12.48 1.54
N LEU A 357 0.01 -13.50 1.85
CA LEU A 357 0.70 -13.56 3.14
C LEU A 357 1.66 -12.41 3.30
N ALA A 358 2.43 -12.11 2.25
CA ALA A 358 3.37 -11.01 2.29
C ALA A 358 2.64 -9.68 2.52
N GLY A 359 1.59 -9.43 1.76
CA GLY A 359 0.84 -8.20 1.93
C GLY A 359 0.22 -8.15 3.33
N ASN A 360 -0.32 -9.28 3.77
CA ASN A 360 -0.94 -9.31 5.09
C ASN A 360 0.07 -8.93 6.19
N ALA A 361 1.25 -9.53 6.13
CA ALA A 361 2.27 -9.27 7.15
C ALA A 361 2.72 -7.81 7.15
N THR A 362 3.02 -7.29 5.96
CA THR A 362 3.65 -5.99 5.86
C THR A 362 2.59 -4.91 6.12
N THR A 363 1.33 -5.27 5.92
CA THR A 363 0.25 -4.34 6.25
C THR A 363 0.02 -4.29 7.77
N ILE A 364 0.13 -5.42 8.45
CA ILE A 364 0.03 -5.39 9.92
C ILE A 364 1.19 -4.58 10.52
N VAL A 365 2.34 -4.55 9.83
CA VAL A 365 3.44 -3.68 10.25
C VAL A 365 2.95 -2.26 10.42
N ASN A 366 2.14 -1.80 9.48
CA ASN A 366 1.58 -0.47 9.60
C ASN A 366 0.67 -0.35 10.82
N ASP A 367 -0.20 -1.33 11.02
CA ASP A 367 -1.06 -1.33 12.22
C ASP A 367 -0.19 -1.09 13.45
N LEU A 368 0.91 -1.81 13.56
CA LEU A 368 1.76 -1.74 14.75
C LEU A 368 2.45 -0.37 14.90
N TYR A 369 3.03 0.15 13.81
CA TYR A 369 3.72 1.44 13.89
C TYR A 369 2.79 2.64 14.00
N SER A 370 1.58 2.51 13.44
CA SER A 370 0.68 3.66 13.42
C SER A 370 -0.37 3.58 14.52
N TYR A 371 -0.26 2.58 15.40
CA TYR A 371 -1.22 2.42 16.50
C TYR A 371 -1.40 3.70 17.33
N THR A 372 -0.31 4.28 17.81
CA THR A 372 -0.44 5.49 18.64
C THR A 372 -1.07 6.65 17.88
N LYS A 373 -0.66 6.84 16.63
CA LYS A 373 -1.26 7.87 15.79
C LYS A 373 -2.78 7.67 15.72
N GLU A 374 -3.22 6.43 15.56
CA GLU A 374 -4.63 6.21 15.28
C GLU A 374 -5.53 6.40 16.48
N LEU A 375 -4.96 6.30 17.68
CA LEU A 375 -5.71 6.58 18.92
C LEU A 375 -6.27 7.98 18.86
N ASN A 376 -5.67 8.84 18.03
CA ASN A 376 -6.12 10.21 17.90
C ASN A 376 -7.01 10.48 16.69
N SER A 377 -7.20 9.46 15.85
CA SER A 377 -8.11 9.60 14.72
C SER A 377 -9.56 9.74 15.19
N PRO A 378 -10.42 10.34 14.33
CA PRO A 378 -11.84 10.52 14.63
C PRO A 378 -12.52 9.18 14.85
N GLY A 379 -13.44 9.13 15.81
CA GLY A 379 -14.13 7.89 16.14
C GLY A 379 -13.19 6.90 16.79
N ARG A 380 -13.44 5.61 16.56
CA ARG A 380 -12.50 4.59 16.98
C ARG A 380 -11.90 3.90 15.77
N HIS A 381 -10.76 4.41 15.31
CA HIS A 381 -10.10 3.84 14.13
C HIS A 381 -9.60 2.41 14.38
N LEU A 382 -10.04 1.46 13.56
CA LEU A 382 -9.64 0.08 13.71
C LEU A 382 -8.22 -0.23 13.23
N ASN A 383 -7.49 -0.98 14.05
CA ASN A 383 -6.24 -1.63 13.67
C ASN A 383 -6.18 -2.94 14.48
N LEU A 384 -5.22 -3.81 14.20
CA LEU A 384 -5.25 -5.12 14.84
C LEU A 384 -5.28 -5.07 16.40
N PRO A 385 -4.38 -4.27 17.02
CA PRO A 385 -4.40 -4.24 18.49
C PRO A 385 -5.74 -3.77 19.05
N VAL A 386 -6.33 -2.75 18.44
CA VAL A 386 -7.61 -2.20 18.91
C VAL A 386 -8.73 -3.23 18.81
N VAL A 387 -8.75 -3.98 17.70
CA VAL A 387 -9.80 -4.99 17.52
C VAL A 387 -9.61 -6.16 18.47
N ILE A 388 -8.37 -6.60 18.61
CA ILE A 388 -8.08 -7.68 19.54
C ILE A 388 -8.53 -7.30 20.94
N ALA A 389 -8.16 -6.11 21.39
CA ALA A 389 -8.48 -5.66 22.73
C ALA A 389 -9.99 -5.61 22.96
N GLU A 390 -10.71 -5.07 21.98
CA GLU A 390 -12.16 -4.88 22.11
C GLU A 390 -12.94 -6.21 22.06
N ARG A 391 -12.60 -7.08 21.13
CA ARG A 391 -13.32 -8.34 20.98
C ARG A 391 -12.94 -9.34 22.07
N GLU A 392 -11.64 -9.53 22.30
CA GLU A 392 -11.16 -10.52 23.26
C GLU A 392 -11.11 -9.93 24.68
N GLN A 393 -11.68 -8.74 24.83
CA GLN A 393 -11.64 -7.97 26.07
C GLN A 393 -10.29 -8.12 26.80
N LEU A 394 -9.24 -7.60 26.17
CA LEU A 394 -7.91 -7.52 26.77
C LEU A 394 -7.53 -6.06 26.96
N CYS A 395 -6.52 -5.79 27.78
CA CYS A 395 -6.04 -4.42 27.93
C CYS A 395 -5.24 -4.10 26.65
N GLU A 396 -5.10 -2.82 26.34
CA GLU A 396 -4.42 -2.41 25.11
C GLU A 396 -3.04 -3.06 24.99
N ARG A 397 -2.31 -3.13 26.10
CA ARG A 397 -0.96 -3.68 26.05
C ARG A 397 -0.93 -5.14 25.59
N ASP A 398 -1.72 -5.99 26.23
CA ASP A 398 -1.72 -7.40 25.89
C ASP A 398 -2.20 -7.63 24.45
N ALA A 399 -3.14 -6.80 24.00
CA ALA A 399 -3.69 -6.92 22.65
C ALA A 399 -2.61 -6.55 21.63
N TYR A 400 -1.86 -5.50 21.93
CA TYR A 400 -0.79 -5.07 21.04
C TYR A 400 0.27 -6.16 20.95
N LEU A 401 0.66 -6.70 22.10
CA LEU A 401 1.67 -7.75 22.13
C LEU A 401 1.24 -8.97 21.31
N LYS A 402 -0.04 -9.33 21.40
CA LYS A 402 -0.54 -10.44 20.58
C LYS A 402 -0.48 -10.08 19.08
N ALA A 403 -0.76 -8.81 18.79
CA ALA A 403 -0.77 -8.33 17.41
C ALA A 403 0.62 -8.48 16.80
N VAL A 404 1.64 -8.22 17.61
CA VAL A 404 3.01 -8.48 17.19
C VAL A 404 3.23 -9.96 16.88
N GLU A 405 2.69 -10.84 17.73
CA GLU A 405 2.83 -12.28 17.49
C GLU A 405 2.09 -12.71 16.23
N VAL A 406 0.94 -12.10 15.98
CA VAL A 406 0.21 -12.37 14.75
C VAL A 406 1.07 -11.95 13.56
N HIS A 407 1.61 -10.74 13.60
CA HIS A 407 2.49 -10.30 12.51
C HIS A 407 3.58 -11.33 12.25
N ASN A 408 4.23 -11.76 13.34
CA ASN A 408 5.35 -12.68 13.22
C ASN A 408 4.98 -13.98 12.52
N GLU A 409 3.83 -14.56 12.89
CA GLU A 409 3.39 -15.79 12.25
C GLU A 409 3.11 -15.56 10.76
N LEU A 410 2.50 -14.42 10.43
CA LEU A 410 2.23 -14.09 9.03
C LEU A 410 3.54 -13.97 8.25
N GLN A 411 4.47 -13.23 8.80
CA GLN A 411 5.78 -13.03 8.15
C GLN A 411 6.53 -14.35 7.93
N HIS A 412 6.60 -15.18 8.97
CA HIS A 412 7.25 -16.48 8.83
C HIS A 412 6.56 -17.37 7.80
N SER A 413 5.22 -17.34 7.78
CA SER A 413 4.44 -18.15 6.84
C SER A 413 4.70 -17.69 5.41
N PHE A 414 4.78 -16.38 5.24
CA PHE A 414 5.14 -15.82 3.94
C PHE A 414 6.50 -16.36 3.50
N GLU A 415 7.48 -16.32 4.39
CA GLU A 415 8.83 -16.74 4.01
C GLU A 415 8.88 -18.22 3.67
N ALA A 416 8.15 -19.04 4.44
CA ALA A 416 8.13 -20.48 4.20
C ALA A 416 7.42 -20.79 2.89
N ALA A 417 6.31 -20.09 2.64
CA ALA A 417 5.59 -20.30 1.39
C ALA A 417 6.45 -19.88 0.21
N ALA A 418 7.19 -18.79 0.36
CA ALA A 418 8.10 -18.34 -0.68
C ALA A 418 9.23 -19.34 -0.95
N ALA A 419 9.80 -19.92 0.09
CA ALA A 419 10.87 -20.90 -0.08
C ALA A 419 10.32 -22.13 -0.79
N ASP A 420 9.13 -22.56 -0.39
CA ASP A 420 8.49 -23.71 -1.00
C ASP A 420 8.28 -23.50 -2.49
N LEU A 421 7.83 -22.32 -2.89
CA LEU A 421 7.62 -22.03 -4.31
C LEU A 421 8.93 -21.86 -5.07
N ALA A 422 9.93 -21.28 -4.42
CA ALA A 422 11.23 -21.11 -5.04
C ALA A 422 11.78 -22.46 -5.48
N GLU A 423 11.59 -23.46 -4.61
CA GLU A 423 12.03 -24.82 -4.86
C GLU A 423 11.13 -25.51 -5.90
N ALA A 424 9.82 -25.36 -5.74
CA ALA A 424 8.87 -26.02 -6.62
C ALA A 424 8.88 -25.50 -8.04
N CYS A 425 9.30 -24.25 -8.20
CA CYS A 425 9.26 -23.59 -9.49
C CYS A 425 10.42 -22.62 -9.62
N PRO A 426 11.65 -23.16 -9.82
CA PRO A 426 12.90 -22.40 -9.81
C PRO A 426 13.15 -21.67 -11.13
N LEU A 427 12.10 -21.13 -11.73
CA LEU A 427 12.27 -20.30 -12.93
C LEU A 427 12.76 -18.92 -12.53
N PRO A 428 13.69 -18.37 -13.32
CA PRO A 428 14.29 -17.08 -12.95
C PRO A 428 13.29 -15.96 -12.65
N PRO A 429 12.22 -15.80 -13.46
CA PRO A 429 11.30 -14.69 -13.18
C PRO A 429 10.61 -14.88 -11.83
N VAL A 430 10.34 -16.13 -11.49
CA VAL A 430 9.70 -16.46 -10.22
C VAL A 430 10.63 -16.13 -9.07
N LEU A 431 11.88 -16.55 -9.18
CA LEU A 431 12.86 -16.30 -8.13
C LEU A 431 13.11 -14.82 -7.93
N ARG A 432 13.18 -14.06 -9.02
CA ARG A 432 13.38 -12.61 -8.92
C ARG A 432 12.18 -11.96 -8.23
N PHE A 433 10.98 -12.38 -8.65
CA PHE A 433 9.75 -11.78 -8.12
C PHE A 433 9.66 -12.04 -6.63
N LEU A 434 9.94 -13.28 -6.23
CA LEU A 434 9.90 -13.65 -4.81
C LEU A 434 10.91 -12.84 -4.00
N ARG A 435 12.10 -12.66 -4.55
CA ARG A 435 13.09 -11.84 -3.89
C ARG A 435 12.66 -10.37 -3.83
N GLY A 436 12.02 -9.89 -4.89
CA GLY A 436 11.55 -8.52 -4.88
C GLY A 436 10.42 -8.26 -3.89
N VAL A 437 9.51 -9.21 -3.74
CA VAL A 437 8.44 -9.07 -2.74
C VAL A 437 9.05 -8.97 -1.33
N ALA A 438 9.98 -9.88 -1.02
CA ALA A 438 10.67 -9.83 0.25
C ALA A 438 11.40 -8.50 0.47
N ALA A 439 12.06 -8.00 -0.58
CA ALA A 439 12.74 -6.72 -0.49
C ALA A 439 11.76 -5.59 -0.21
N TRP A 440 10.60 -5.64 -0.86
CA TRP A 440 9.58 -4.60 -0.63
C TRP A 440 9.14 -4.66 0.85
N VAL A 441 8.84 -5.88 1.30
CA VAL A 441 8.39 -6.08 2.68
C VAL A 441 9.42 -5.55 3.69
N ASP A 442 10.69 -5.92 3.50
CA ASP A 442 11.73 -5.45 4.40
C ASP A 442 11.85 -3.94 4.33
N GLY A 443 11.76 -3.41 3.12
CA GLY A 443 11.83 -1.98 2.93
C GLY A 443 10.66 -1.26 3.55
N ASN A 444 9.49 -1.89 3.50
CA ASN A 444 8.31 -1.29 4.10
C ASN A 444 8.45 -1.23 5.62
N HIS A 445 8.96 -2.30 6.23
CA HIS A 445 9.23 -2.23 7.66
C HIS A 445 10.23 -1.13 8.01
N ASP A 446 11.29 -1.01 7.21
CA ASP A 446 12.32 0.01 7.48
C ASP A 446 11.76 1.41 7.40
N TRP A 447 10.96 1.68 6.38
CA TRP A 447 10.33 2.98 6.25
C TRP A 447 9.43 3.32 7.45
N HIS A 448 8.67 2.35 7.94
CA HIS A 448 7.83 2.60 9.11
C HIS A 448 8.70 2.86 10.35
N ARG A 449 9.71 2.03 10.55
CA ARG A 449 10.61 2.17 11.69
C ARG A 449 11.25 3.56 11.76
N THR A 450 11.63 4.10 10.61
CA THR A 450 12.41 5.33 10.60
C THR A 450 11.55 6.58 10.47
N ASN A 451 10.30 6.42 10.04
CA ASN A 451 9.46 7.60 9.87
C ASN A 451 8.87 8.09 11.19
N THR A 452 9.66 8.88 11.91
CA THR A 452 9.24 9.42 13.21
C THR A 452 8.36 10.66 13.05
N TYR A 453 8.25 11.15 11.82
CA TYR A 453 7.35 12.25 11.52
C TYR A 453 5.90 11.75 11.58
N ARG A 454 5.66 10.58 11.00
CA ARG A 454 4.31 10.01 10.97
C ARG A 454 4.01 9.15 12.20
N TYR A 455 4.99 8.35 12.64
CA TYR A 455 4.73 7.30 13.64
C TYR A 455 5.58 7.41 14.91
N SER A 456 5.07 6.81 15.98
CA SER A 456 5.82 6.60 17.21
C SER A 456 5.30 5.32 17.85
N LEU A 457 5.94 4.88 18.92
CA LEU A 457 5.58 3.62 19.55
C LEU A 457 4.88 3.78 20.90
N PRO A 458 4.09 2.76 21.29
CA PRO A 458 3.47 2.72 22.62
C PRO A 458 4.50 2.36 23.68
N ASP A 459 4.24 2.72 24.93
CA ASP A 459 5.14 2.36 26.02
C ASP A 459 4.71 1.05 26.65
N PHE A 460 5.04 -0.05 25.99
CA PHE A 460 4.55 -1.37 26.39
C PHE A 460 5.68 -2.32 26.76
N TRP A 461 6.91 -1.83 26.77
CA TRP A 461 8.05 -2.68 27.05
C TRP A 461 8.95 -2.05 28.10
#